data_3TH4
#
_entry.id   3TH4
#
_cell.length_a   69.919
_cell.length_b   81.230
_cell.length_c   126.534
_cell.angle_alpha   90.00
_cell.angle_beta   90.00
_cell.angle_gamma   90.00
#
_symmetry.space_group_name_H-M   'P 21 21 21'
#
loop_
_entity.id
_entity.type
_entity.pdbx_description
1 polymer 'Coagulation factor VII light chain'
2 polymer 'Coagulation factor VII heavy chain'
3 polymer 'Tissue factor'
4 non-polymer beta-D-glucopyranose
5 non-polymer alpha-L-fucopyranose
6 non-polymer 'MAGNESIUM ION'
7 non-polymer 'CALCIUM ION'
8 non-polymer N-{[5-(dimethylamino)naphthalen-1-yl]sulfonyl}-L-alpha-glutamyl-N-[(2S,3S)-6-carbamimidamido-1-chloro-2-hydroxyhexan-3-yl]glycinamide
9 non-polymer 'CHLORIDE ION'
10 non-polymer 'SODIUM ION'
11 water water
#
loop_
_entity_poly.entity_id
_entity_poly.type
_entity_poly.pdbx_seq_one_letter_code
_entity_poly.pdbx_strand_id
1 'polypeptide(L)'
;ANAFL(CGU)(CGU)LRPGSL(CGU)R(CGU)CK(CGU)(CGU)QCSF(CGU)(CGU)AR(CGU)IFKDA(CGU)RTKLF
WISYSDGDQCASSPCQNGGSCKDQLQSYICFCLPAFEGRNCETHKDDQLICVNENGGCEQYCSDHTGTKRSCRCHEGYSL
LADGVSCTPTVEYPCGKIPILE
;
L
2 'polypeptide(L)'
;IVGGKVCPKGECPWQVLLLVNGAQLCGGTLINTIWVVSAAHCFDKIKNWRNLIAVLGEHDLSEHDGDEQSRRVAQVIIPS
TYVPGTTNHDIALLRLHQPVVLTDHVVPLCLPERTFSERTLAFVRFSLVSGWGQLLDRGATALELMVLNVPRLMTQDCLQ
QSRKVGDSPNITEYMFCAGYSDGSKDSCKGDSGGPHATHYRGTWYLTGIVSWGQGCATVGHFGVYTRVSQYIEWLQKLMR
SEPRPGVLLRAPFP
;
H
3 'polypeptide(L)'
;TVAAYNLTWKSTNFKTILEWEPKPVNQVYTVQISTKSGDWKSKCFYTTDTECDLTDEIVKDVKQTYLARVFSYPAGNVES
TGSAGEPLYENSPEFTPYLETNLGQPTIQSFEQVGTKVNVTVEDERTLVRRNNTFLSLRDVFGKDLIYTLYYWKSSSSGK
KTAKTNTNEFLIDVDKGENYCFSVQAVIPSRTVNRKSTDSPVECM
;
T
#
# COMPACT_ATOMS: atom_id res chain seq x y z
N ALA A 1 -42.17 -1.89 -36.11
CA ALA A 1 -42.17 -2.90 -37.24
C ALA A 1 -43.32 -2.61 -38.20
N ASN A 2 -43.18 -3.09 -39.43
CA ASN A 2 -44.18 -2.80 -40.49
C ASN A 2 -45.11 -3.93 -40.92
N ALA A 3 -46.38 -3.58 -41.07
CA ALA A 3 -47.43 -4.53 -41.41
C ALA A 3 -48.39 -3.75 -42.31
N PHE A 4 -49.24 -4.49 -43.02
CA PHE A 4 -50.15 -3.93 -44.05
C PHE A 4 -50.94 -2.70 -43.58
N LEU A 5 -50.79 -1.62 -44.33
CA LEU A 5 -51.41 -0.30 -44.00
C LEU A 5 -51.13 0.29 -42.62
N LEU A 8 -50.03 4.14 -42.81
CA LEU A 8 -51.12 5.11 -42.90
C LEU A 8 -51.31 5.87 -41.59
N ARG A 9 -51.00 5.19 -40.46
CA ARG A 9 -51.14 5.77 -39.13
C ARG A 9 -49.95 6.66 -38.87
N PRO A 10 -50.16 7.82 -38.25
CA PRO A 10 -48.98 8.56 -37.81
C PRO A 10 -48.16 7.64 -36.88
N GLY A 11 -46.90 7.99 -36.76
CA GLY A 11 -46.00 7.15 -36.01
C GLY A 11 -46.28 7.28 -34.53
N SER A 12 -45.94 6.20 -33.81
CA SER A 12 -46.14 6.14 -32.37
C SER A 12 -44.98 5.42 -31.75
N LEU A 13 -44.26 6.10 -30.86
CA LEU A 13 -43.12 5.49 -30.12
C LEU A 13 -43.57 4.25 -29.39
N ARG A 15 -46.26 2.35 -29.87
CA ARG A 15 -46.75 1.28 -30.75
C ARG A 15 -45.63 0.67 -31.56
N CYS A 17 -42.03 1.24 -31.27
CA CYS A 17 -40.67 1.03 -30.70
C CYS A 17 -40.62 0.31 -29.35
N LYS A 18 -41.68 0.50 -28.55
CA LYS A 18 -41.74 -0.06 -27.22
C LYS A 18 -42.48 -1.39 -27.30
N GLN A 21 -40.19 -3.83 -32.27
CA GLN A 21 -38.88 -3.26 -32.64
C GLN A 21 -39.11 -2.34 -33.82
N CYS A 22 -38.54 -1.15 -33.75
CA CYS A 22 -38.57 -0.22 -34.86
C CYS A 22 -37.19 -0.07 -35.54
N SER A 23 -37.25 0.14 -36.85
CA SER A 23 -36.13 0.46 -37.65
C SER A 23 -35.76 1.91 -37.46
N PHE A 24 -34.55 2.20 -37.87
CA PHE A 24 -34.13 3.58 -37.84
C PHE A 24 -35.15 4.53 -38.55
N ALA A 27 -38.33 5.17 -36.50
CA ALA A 27 -37.96 6.14 -35.50
C ALA A 27 -37.88 7.54 -36.06
N ARG A 28 -37.28 7.70 -37.22
CA ARG A 28 -37.14 9.05 -37.79
C ARG A 28 -38.49 9.59 -38.22
N ILE A 30 -41.04 9.33 -36.48
CA ILE A 30 -41.58 9.84 -35.21
C ILE A 30 -40.87 11.14 -34.80
N PHE A 31 -39.55 11.17 -34.78
CA PHE A 31 -38.80 12.33 -34.27
C PHE A 31 -38.62 13.45 -35.31
N LYS A 32 -38.51 13.09 -36.58
CA LYS A 32 -38.35 14.06 -37.68
C LYS A 32 -37.00 14.76 -37.80
N ASP A 33 -36.51 15.37 -36.72
CA ASP A 33 -35.20 16.05 -36.80
C ASP A 33 -34.14 14.93 -36.68
N ALA A 34 -33.13 15.03 -37.53
CA ALA A 34 -32.05 14.06 -37.58
C ALA A 34 -31.31 13.88 -36.23
N ARG A 36 -32.54 14.77 -33.14
CA ARG A 36 -33.44 14.12 -32.18
C ARG A 36 -33.50 12.62 -32.40
N THR A 37 -33.54 12.22 -33.67
CA THR A 37 -33.61 10.81 -34.02
C THR A 37 -32.30 10.11 -33.58
N LYS A 38 -31.14 10.73 -33.79
CA LYS A 38 -29.87 10.07 -33.43
C LYS A 38 -29.75 9.99 -31.91
N LEU A 39 -30.25 11.00 -31.18
CA LEU A 39 -30.20 10.90 -29.70
C LEU A 39 -31.05 9.73 -29.17
N PHE A 40 -32.27 9.60 -29.69
CA PHE A 40 -33.05 8.43 -29.39
C PHE A 40 -32.25 7.18 -29.82
N TRP A 41 -31.75 7.21 -31.07
CA TRP A 41 -31.24 5.95 -31.66
C TRP A 41 -30.00 5.39 -30.95
N ILE A 42 -29.17 6.29 -30.46
CA ILE A 42 -27.90 5.90 -29.81
C ILE A 42 -28.16 4.91 -28.68
N SER A 43 -29.17 5.15 -27.85
CA SER A 43 -29.46 4.18 -26.76
C SER A 43 -30.40 3.06 -27.21
N TYR A 44 -31.39 3.40 -28.02
CA TYR A 44 -32.36 2.41 -28.43
C TYR A 44 -31.72 1.22 -29.12
N SER A 45 -30.71 1.49 -29.87
CA SER A 45 -30.05 0.43 -30.71
C SER A 45 -28.79 -0.09 -30.04
N ASP A 46 -28.42 0.50 -28.91
CA ASP A 46 -27.19 0.10 -28.25
C ASP A 46 -27.18 -1.38 -27.83
N GLY A 47 -28.31 -1.94 -27.40
CA GLY A 47 -28.37 -3.27 -26.88
C GLY A 47 -28.20 -3.19 -25.36
N ASP A 48 -28.80 -4.17 -24.69
CA ASP A 48 -28.67 -4.34 -23.28
C ASP A 48 -27.49 -5.28 -23.06
N GLN A 49 -26.34 -4.70 -22.75
CA GLN A 49 -25.19 -5.52 -22.40
C GLN A 49 -25.38 -6.43 -21.15
N CYS A 50 -26.35 -6.13 -20.29
CA CYS A 50 -26.75 -7.03 -19.19
C CYS A 50 -27.56 -8.29 -19.56
N ALA A 51 -27.97 -8.40 -20.83
CA ALA A 51 -28.76 -9.58 -21.29
C ALA A 51 -27.94 -10.87 -21.34
N SER A 52 -26.61 -10.79 -21.43
CA SER A 52 -25.82 -11.98 -21.21
C SER A 52 -25.62 -12.44 -19.75
N SER A 53 -26.17 -11.70 -18.79
CA SER A 53 -26.10 -12.03 -17.34
C SER A 53 -24.67 -12.11 -16.83
N PRO A 54 -23.84 -11.08 -17.12
CA PRO A 54 -22.39 -11.22 -16.86
C PRO A 54 -22.03 -11.20 -15.35
N CYS A 55 -22.94 -10.75 -14.50
CA CYS A 55 -22.58 -10.53 -13.11
C CYS A 55 -22.80 -11.82 -12.35
N GLN A 56 -21.76 -12.39 -11.81
CA GLN A 56 -21.80 -13.72 -11.22
C GLN A 56 -22.10 -13.61 -9.74
N ASN A 57 -22.37 -14.76 -9.12
CA ASN A 57 -22.40 -14.86 -7.67
C ASN A 57 -23.45 -13.95 -7.03
N GLY A 58 -24.61 -13.78 -7.67
CA GLY A 58 -25.73 -13.05 -7.02
C GLY A 58 -25.58 -11.54 -7.24
N GLY A 59 -24.67 -11.13 -8.12
CA GLY A 59 -24.44 -9.69 -8.30
C GLY A 59 -25.54 -9.09 -9.18
N SER A 60 -25.51 -7.76 -9.35
CA SER A 60 -26.52 -7.01 -10.10
C SER A 60 -25.90 -6.19 -11.20
N CYS A 61 -26.52 -6.24 -12.37
CA CYS A 61 -25.94 -5.62 -13.56
C CYS A 61 -26.65 -4.32 -13.88
N LYS A 62 -25.92 -3.26 -14.24
CA LYS A 62 -26.53 -2.04 -14.72
C LYS A 62 -26.01 -1.71 -16.12
N ASP A 63 -26.93 -1.55 -17.08
CA ASP A 63 -26.56 -1.37 -18.46
C ASP A 63 -26.04 0.01 -18.65
N GLN A 64 -25.04 0.13 -19.50
CA GLN A 64 -24.53 1.43 -19.91
C GLN A 64 -24.46 1.49 -21.46
N LEU A 65 -23.83 2.49 -22.03
CA LEU A 65 -23.60 2.42 -23.51
C LEU A 65 -22.44 1.47 -23.85
N GLN A 66 -22.73 0.40 -24.59
CA GLN A 66 -21.66 -0.56 -25.00
C GLN A 66 -20.90 -1.16 -23.80
N SER A 67 -21.58 -1.41 -22.67
CA SER A 67 -20.85 -1.72 -21.37
C SER A 67 -21.84 -1.88 -20.26
N TYR A 68 -21.35 -2.33 -19.10
CA TYR A 68 -22.25 -2.52 -17.98
C TYR A 68 -21.39 -2.33 -16.76
N ILE A 69 -22.04 -2.28 -15.59
CA ILE A 69 -21.32 -2.24 -14.33
C ILE A 69 -21.93 -3.38 -13.49
N CYS A 70 -21.11 -4.17 -12.78
CA CYS A 70 -21.59 -5.16 -11.83
C CYS A 70 -21.46 -4.69 -10.39
N PHE A 71 -22.56 -4.78 -9.63
CA PHE A 71 -22.58 -4.48 -8.22
C PHE A 71 -22.58 -5.86 -7.47
N CYS A 72 -21.53 -6.15 -6.72
CA CYS A 72 -21.35 -7.47 -6.14
C CYS A 72 -21.97 -7.58 -4.76
N LEU A 73 -22.32 -8.80 -4.37
CA LEU A 73 -22.53 -9.07 -2.91
C LEU A 73 -21.21 -8.90 -2.12
N PRO A 74 -21.32 -8.64 -0.79
CA PRO A 74 -20.11 -8.32 -0.02
C PRO A 74 -18.93 -9.31 -0.07
N ALA A 75 -19.19 -10.57 -0.42
CA ALA A 75 -18.15 -11.60 -0.44
C ALA A 75 -17.48 -11.81 -1.79
N PHE A 76 -17.79 -10.92 -2.74
CA PHE A 76 -17.26 -11.06 -4.10
C PHE A 76 -16.74 -9.73 -4.57
N GLU A 77 -15.80 -9.83 -5.50
CA GLU A 77 -15.32 -8.68 -6.21
C GLU A 77 -14.93 -9.11 -7.64
N GLY A 78 -14.37 -8.19 -8.43
CA GLY A 78 -14.13 -8.45 -9.85
C GLY A 78 -15.15 -7.70 -10.74
N ARG A 79 -14.70 -7.45 -11.99
CA ARG A 79 -15.51 -6.82 -13.03
C ARG A 79 -16.86 -7.52 -13.12
N ASN A 80 -16.85 -8.86 -13.02
CA ASN A 80 -18.09 -9.65 -13.08
C ASN A 80 -18.45 -10.40 -11.79
N CYS A 81 -17.95 -9.93 -10.66
CA CYS A 81 -18.19 -10.55 -9.36
C CYS A 81 -17.64 -11.98 -9.28
N GLU A 82 -16.63 -12.25 -10.07
CA GLU A 82 -16.12 -13.63 -10.23
C GLU A 82 -15.18 -14.04 -9.12
N THR A 83 -14.53 -13.07 -8.45
CA THR A 83 -13.54 -13.40 -7.43
C THR A 83 -14.21 -13.64 -6.08
N HIS A 84 -13.96 -14.82 -5.48
CA HIS A 84 -14.52 -15.13 -4.18
C HIS A 84 -13.55 -14.70 -3.12
N LYS A 85 -13.94 -13.74 -2.29
CA LYS A 85 -13.07 -13.26 -1.19
C LYS A 85 -12.70 -14.38 -0.20
N ASP A 86 -13.60 -15.34 -0.05
CA ASP A 86 -13.40 -16.54 0.82
C ASP A 86 -12.31 -17.55 0.35
N ASP A 87 -11.96 -17.49 -0.94
CA ASP A 87 -10.98 -18.38 -1.55
C ASP A 87 -9.58 -17.77 -1.57
N GLN A 88 -9.36 -16.70 -0.79
CA GLN A 88 -8.15 -15.89 -0.90
C GLN A 88 -7.25 -16.00 0.32
N LEU A 89 -7.36 -17.10 1.07
CA LEU A 89 -6.62 -17.19 2.36
C LEU A 89 -5.20 -17.76 2.22
N ILE A 90 -4.33 -16.92 1.70
CA ILE A 90 -2.97 -17.30 1.41
C ILE A 90 -2.10 -16.20 2.01
N CYS A 91 -0.86 -16.56 2.28
CA CYS A 91 -0.02 -15.67 3.08
C CYS A 91 0.25 -14.32 2.42
N VAL A 92 0.24 -14.26 1.10
CA VAL A 92 0.46 -12.96 0.47
C VAL A 92 -0.75 -12.04 0.54
N ASN A 93 -1.91 -12.56 0.94
CA ASN A 93 -3.05 -11.71 1.08
C ASN A 93 -3.13 -11.31 2.56
N GLU A 94 -2.53 -10.17 2.89
CA GLU A 94 -2.59 -9.69 4.29
C GLU A 94 -2.09 -10.72 5.30
N ASN A 95 -0.95 -11.34 4.95
CA ASN A 95 -0.22 -12.28 5.83
C ASN A 95 -1.12 -13.44 6.23
N GLY A 96 -2.17 -13.71 5.42
CA GLY A 96 -3.09 -14.83 5.71
C GLY A 96 -3.93 -14.62 6.96
N GLY A 97 -4.04 -13.36 7.37
CA GLY A 97 -4.57 -12.99 8.70
C GLY A 97 -3.80 -13.48 9.94
N CYS A 98 -2.59 -13.98 9.76
CA CYS A 98 -1.77 -14.41 10.91
C CYS A 98 -1.21 -13.16 11.62
N GLU A 99 -1.19 -13.16 12.94
CA GLU A 99 -0.62 -12.04 13.67
C GLU A 99 0.88 -11.96 13.44
N GLN A 100 1.55 -13.10 13.42
CA GLN A 100 3.02 -13.16 13.22
C GLN A 100 3.51 -13.90 11.98
N TYR A 101 3.78 -15.20 12.05
CA TYR A 101 4.30 -15.89 10.86
C TYR A 101 3.16 -16.67 10.16
N CYS A 102 3.22 -16.75 8.85
CA CYS A 102 2.20 -17.44 8.05
C CYS A 102 2.93 -18.50 7.21
N SER A 103 2.33 -19.70 7.09
CA SER A 103 2.93 -20.74 6.25
C SER A 103 1.87 -21.21 5.25
N ASP A 104 2.17 -21.13 3.97
CA ASP A 104 1.26 -21.61 2.97
C ASP A 104 1.28 -23.16 2.98
N HIS A 105 0.14 -23.75 2.69
CA HIS A 105 0.00 -25.20 2.50
C HIS A 105 -0.96 -25.39 1.34
N THR A 106 -0.45 -25.83 0.22
CA THR A 106 -1.34 -25.93 -0.94
C THR A 106 -2.36 -27.10 -0.83
N GLY A 107 -3.59 -26.82 -1.21
CA GLY A 107 -4.72 -27.77 -1.11
C GLY A 107 -5.53 -27.68 0.18
N THR A 108 -4.77 -27.55 1.27
CA THR A 108 -5.25 -27.38 2.62
C THR A 108 -4.97 -25.96 3.15
N LYS A 109 -5.50 -25.66 4.34
CA LYS A 109 -5.47 -24.28 4.88
C LYS A 109 -4.03 -23.81 5.23
N ARG A 110 -3.71 -22.54 4.93
CA ARG A 110 -2.45 -21.93 5.48
C ARG A 110 -2.45 -22.15 7.01
N SER A 111 -1.28 -22.24 7.61
CA SER A 111 -1.18 -22.18 9.07
C SER A 111 -0.38 -20.96 9.57
N CYS A 112 -0.64 -20.57 10.84
CA CYS A 112 0.01 -19.39 11.49
C CYS A 112 0.94 -19.88 12.61
N ARG A 113 2.07 -19.19 12.82
CA ARG A 113 3.10 -19.60 13.78
C ARG A 113 3.52 -18.31 14.54
N CYS A 114 4.41 -18.45 15.52
CA CYS A 114 4.83 -17.29 16.35
C CYS A 114 6.36 -17.30 16.50
N HIS A 115 6.92 -16.12 16.75
CA HIS A 115 8.31 -15.99 17.17
C HIS A 115 8.55 -16.65 18.53
N GLU A 116 9.79 -17.02 18.82
CA GLU A 116 10.18 -17.49 20.16
C GLU A 116 9.76 -16.44 21.20
N GLY A 117 9.30 -16.87 22.40
CA GLY A 117 8.76 -15.96 23.34
C GLY A 117 7.25 -15.80 23.30
N TYR A 118 6.60 -16.37 22.27
CA TYR A 118 5.15 -16.23 22.07
C TYR A 118 4.59 -17.64 21.80
N SER A 119 3.30 -17.80 21.98
CA SER A 119 2.65 -19.07 21.57
C SER A 119 1.34 -18.76 20.89
N LEU A 120 0.91 -19.69 20.04
CA LEU A 120 -0.25 -19.45 19.23
C LEU A 120 -1.50 -19.72 20.06
N LEU A 121 -2.47 -18.80 19.97
CA LEU A 121 -3.77 -18.93 20.64
C LEU A 121 -4.74 -19.91 19.97
N ALA A 122 -5.78 -20.28 20.73
CA ALA A 122 -6.98 -21.05 20.31
C ALA A 122 -7.51 -20.70 18.93
N ASP A 123 -7.52 -19.41 18.63
CA ASP A 123 -8.05 -18.96 17.35
C ASP A 123 -7.22 -19.26 16.12
N GLY A 124 -6.04 -19.90 16.28
CA GLY A 124 -5.20 -20.38 15.17
C GLY A 124 -4.39 -19.26 14.46
N VAL A 125 -4.58 -18.01 14.92
CA VAL A 125 -3.94 -16.84 14.25
C VAL A 125 -3.22 -15.87 15.22
N SER A 126 -3.68 -15.75 16.46
CA SER A 126 -3.14 -14.78 17.45
C SER A 126 -1.98 -15.34 18.24
N CYS A 127 -1.09 -14.47 18.73
CA CYS A 127 0.08 -14.92 19.47
C CYS A 127 0.07 -14.32 20.88
N THR A 128 0.54 -15.04 21.88
CA THR A 128 0.52 -14.43 23.20
C THR A 128 1.88 -14.60 23.80
N PRO A 129 2.38 -13.60 24.58
CA PRO A 129 3.69 -13.80 25.19
C PRO A 129 3.70 -14.98 26.17
N THR A 130 4.79 -15.75 26.15
CA THR A 130 5.05 -16.78 27.15
C THR A 130 6.15 -16.35 28.13
N VAL A 131 6.63 -15.12 28.06
CA VAL A 131 7.77 -14.70 28.90
C VAL A 131 7.38 -13.30 29.35
N GLU A 132 8.10 -12.78 30.36
CA GLU A 132 7.80 -11.49 30.88
C GLU A 132 8.13 -10.31 29.91
N TYR A 133 9.29 -10.42 29.26
CA TYR A 133 9.79 -9.37 28.28
C TYR A 133 9.97 -9.98 26.89
N PRO A 134 8.87 -10.26 26.20
CA PRO A 134 9.00 -10.83 24.85
C PRO A 134 9.57 -9.78 23.90
N CYS A 135 10.22 -10.26 22.83
CA CYS A 135 10.83 -9.29 21.90
C CYS A 135 9.77 -8.41 21.24
N GLY A 136 10.14 -7.17 20.92
CA GLY A 136 9.30 -6.33 20.05
C GLY A 136 8.13 -5.68 20.73
N LYS A 137 8.10 -5.67 22.07
CA LYS A 137 7.03 -4.94 22.74
C LYS A 137 7.68 -3.92 23.68
N ILE A 138 7.01 -2.80 23.87
CA ILE A 138 7.63 -1.68 24.64
C ILE A 138 6.96 -1.61 26.03
N PRO A 139 7.62 -2.17 27.08
CA PRO A 139 6.95 -2.32 28.39
C PRO A 139 6.35 -1.06 28.97
N ILE A 140 7.02 0.08 28.81
CA ILE A 140 6.48 1.25 29.49
C ILE A 140 5.18 1.75 28.89
N LEU A 141 4.85 1.26 27.68
CA LEU A 141 3.61 1.68 26.94
C LEU A 141 2.48 0.64 27.00
N GLU A 142 2.78 -0.55 27.49
CA GLU A 142 1.77 -1.57 27.38
C GLU A 142 0.97 -1.49 28.70
N ILE B 1 20.89 11.52 13.69
CA ILE B 1 19.50 11.67 13.10
C ILE B 1 19.31 13.15 12.80
N VAL B 2 18.93 13.45 11.57
CA VAL B 2 18.52 14.81 11.13
C VAL B 2 17.01 14.94 11.00
N GLY B 3 16.45 15.97 11.67
CA GLY B 3 15.04 16.30 11.61
C GLY B 3 14.14 15.33 12.36
N GLY B 4 14.69 14.65 13.35
CA GLY B 4 13.94 13.71 14.21
C GLY B 4 13.48 14.35 15.50
N LYS B 5 13.10 13.51 16.46
CA LYS B 5 12.69 13.98 17.76
C LYS B 5 13.42 13.19 18.84
N VAL B 6 13.42 13.67 20.09
CA VAL B 6 14.00 12.80 21.15
C VAL B 6 13.09 11.58 21.39
N CYS B 7 13.71 10.41 21.44
CA CYS B 7 12.93 9.19 21.76
C CYS B 7 12.66 9.22 23.31
N PRO B 8 11.37 9.31 23.75
CA PRO B 8 11.10 9.36 25.23
C PRO B 8 11.80 8.17 25.85
N LYS B 9 12.46 8.42 26.96
CA LYS B 9 13.25 7.35 27.65
C LYS B 9 12.45 6.05 27.82
N GLY B 10 13.00 4.91 27.39
CA GLY B 10 12.23 3.69 27.49
C GLY B 10 11.44 3.26 26.26
N GLU B 11 11.30 4.18 25.30
CA GLU B 11 10.51 3.86 24.12
C GLU B 11 11.28 3.29 22.99
N CYS B 12 12.64 3.23 23.11
CA CYS B 12 13.47 2.56 22.09
C CYS B 12 14.34 1.53 22.81
N PRO B 13 13.72 0.55 23.51
CA PRO B 13 14.42 -0.19 24.53
C PRO B 13 15.45 -1.24 23.97
N TRP B 14 15.43 -1.49 22.67
CA TRP B 14 16.42 -2.36 22.04
C TRP B 14 17.61 -1.59 21.48
N GLN B 15 17.58 -0.25 21.53
CA GLN B 15 18.74 0.51 21.05
C GLN B 15 19.99 0.21 21.90
N VAL B 16 21.13 0.00 21.19
CA VAL B 16 22.43 -0.25 21.83
C VAL B 16 23.37 0.88 21.50
N LEU B 17 24.20 1.29 22.49
CA LEU B 17 25.28 2.26 22.18
C LEU B 17 26.57 1.46 22.24
N LEU B 18 27.37 1.50 21.17
CA LEU B 18 28.63 0.76 21.26
C LEU B 18 29.72 1.77 21.53
N LEU B 19 30.67 1.37 22.38
CA LEU B 19 31.82 2.20 22.75
C LEU B 19 33.10 1.46 22.50
N VAL B 20 34.11 2.19 22.02
CA VAL B 20 35.44 1.63 21.77
C VAL B 20 36.42 2.47 22.57
N ASN B 21 37.07 1.87 23.56
CA ASN B 21 37.98 2.62 24.41
C ASN B 21 37.17 3.70 25.09
N GLY B 22 36.05 3.26 25.68
CA GLY B 22 35.06 4.16 26.33
C GLY B 22 34.52 5.34 25.51
N ALA B 23 34.79 5.42 24.21
CA ALA B 23 34.34 6.56 23.39
C ALA B 23 33.17 6.03 22.50
N GLN B 24 32.23 6.90 22.14
CA GLN B 24 31.06 6.46 21.33
C GLN B 24 31.54 6.06 19.93
N LEU B 25 31.13 4.88 19.46
CA LEU B 25 31.50 4.35 18.14
C LEU B 25 30.29 4.30 17.19
N CYS B 26 29.19 3.69 17.61
CA CYS B 26 28.11 3.37 16.64
C CYS B 26 26.92 2.92 17.45
N GLY B 27 25.79 2.69 16.80
CA GLY B 27 24.62 2.06 17.45
C GLY B 27 24.58 0.58 17.20
N GLY B 28 23.50 -0.05 17.68
CA GLY B 28 23.31 -1.49 17.46
C GLY B 28 21.88 -1.78 17.93
N THR B 29 21.46 -3.01 17.78
CA THR B 29 20.08 -3.43 18.06
C THR B 29 20.22 -4.75 18.83
N LEU B 30 19.64 -4.77 20.03
CA LEU B 30 19.63 -6.02 20.83
C LEU B 30 18.57 -6.96 20.22
N ILE B 31 18.88 -8.28 19.99
CA ILE B 31 17.83 -9.14 19.41
C ILE B 31 17.49 -10.32 20.36
N ASN B 32 18.32 -10.53 21.39
CA ASN B 32 17.91 -11.40 22.54
C ASN B 32 18.87 -11.03 23.72
N THR B 33 19.08 -11.84 24.77
CA THR B 33 19.89 -11.26 25.88
C THR B 33 21.37 -11.28 25.61
N ILE B 34 21.85 -11.98 24.55
CA ILE B 34 23.26 -12.15 24.34
C ILE B 34 23.75 -11.50 23.06
N TRP B 35 22.84 -11.24 22.13
CA TRP B 35 23.33 -10.93 20.78
C TRP B 35 22.81 -9.55 20.28
N VAL B 36 23.69 -8.81 19.64
CA VAL B 36 23.41 -7.48 19.08
C VAL B 36 23.75 -7.44 17.61
N VAL B 37 22.93 -6.75 16.82
CA VAL B 37 23.22 -6.61 15.40
C VAL B 37 23.67 -5.18 15.20
N SER B 38 24.72 -4.97 14.35
CA SER B 38 25.17 -3.60 14.11
C SER B 38 25.68 -3.61 12.67
N ALA B 39 26.46 -2.60 12.28
CA ALA B 39 26.90 -2.57 10.84
C ALA B 39 28.37 -2.94 10.85
N ALA B 40 28.79 -3.72 9.83
CA ALA B 40 30.21 -4.06 9.68
C ALA B 40 31.11 -2.85 9.61
N HIS B 41 30.71 -1.76 8.91
CA HIS B 41 31.68 -0.66 8.63
C HIS B 41 32.14 0.07 9.91
N CYS B 42 31.32 -0.03 10.96
CA CYS B 42 31.67 0.53 12.26
C CYS B 42 32.99 -0.04 12.78
N PHE B 43 33.41 -1.22 12.29
CA PHE B 43 34.60 -1.87 12.88
C PHE B 43 35.85 -1.77 12.00
N ASP B 44 35.78 -0.98 10.92
CA ASP B 44 36.88 -0.92 9.93
C ASP B 44 38.21 -0.45 10.56
N LYS B 45 38.14 0.47 11.52
CA LYS B 45 39.39 1.05 12.07
C LYS B 45 39.71 0.62 13.50
N ILE B 46 39.05 -0.39 14.02
CA ILE B 46 39.26 -0.89 15.40
C ILE B 46 40.62 -1.56 15.46
N LYS B 47 41.44 -1.13 16.43
CA LYS B 47 42.68 -1.81 16.73
C LYS B 47 42.59 -2.58 18.07
N ASN B 48 41.96 -1.98 19.07
CA ASN B 48 41.76 -2.61 20.39
C ASN B 48 40.48 -3.44 20.49
N TRP B 49 40.50 -4.66 19.95
CA TRP B 49 39.31 -5.49 19.92
C TRP B 49 38.78 -5.89 21.28
N ARG B 50 39.63 -5.84 22.30
CA ARG B 50 39.20 -6.25 23.63
C ARG B 50 38.56 -5.09 24.42
N ASN B 51 38.50 -3.90 23.84
CA ASN B 51 37.93 -2.76 24.56
C ASN B 51 36.60 -2.30 23.90
N LEU B 52 35.80 -3.23 23.41
CA LEU B 52 34.49 -2.83 22.85
C LEU B 52 33.46 -3.12 23.93
N ILE B 53 32.54 -2.17 24.20
CA ILE B 53 31.54 -2.36 25.21
C ILE B 53 30.19 -2.06 24.54
N ALA B 54 29.17 -2.82 24.91
CA ALA B 54 27.77 -2.46 24.47
C ALA B 54 27.01 -1.91 25.70
N VAL B 55 26.32 -0.79 25.55
CA VAL B 55 25.51 -0.24 26.67
C VAL B 55 24.06 -0.34 26.27
N LEU B 56 23.24 -0.98 27.11
CA LEU B 56 21.80 -1.09 26.86
C LEU B 56 21.11 -0.16 27.88
N GLY B 57 19.92 0.28 27.57
CA GLY B 57 19.18 1.12 28.53
C GLY B 57 19.64 2.57 28.57
N GLU B 58 20.42 2.97 27.57
CA GLU B 58 20.97 4.33 27.54
C GLU B 58 19.92 5.29 26.99
N HIS B 59 20.00 6.54 27.37
CA HIS B 59 19.12 7.57 26.82
C HIS B 59 19.95 8.83 26.70
N ASP B 60 20.40 9.37 27.85
CA ASP B 60 21.06 10.69 27.87
C ASP B 60 22.53 10.45 28.18
N LEU B 61 23.38 10.73 27.22
CA LEU B 61 24.81 10.37 27.35
C LEU B 61 25.54 11.32 28.30
N SER B 62 24.86 12.37 28.72
CA SER B 62 25.45 13.26 29.77
C SER B 62 25.13 12.91 31.25
N GLU B 63 24.27 11.93 31.52
CA GLU B 63 23.89 11.62 32.91
C GLU B 63 23.83 10.12 33.03
N HIS B 64 24.23 9.57 34.17
CA HIS B 64 24.04 8.16 34.40
C HIS B 64 22.83 7.92 35.24
N ASP B 65 22.08 6.88 34.90
CA ASP B 65 21.02 6.38 35.81
C ASP B 65 21.08 4.86 35.98
N GLY B 66 20.20 4.34 36.81
CA GLY B 66 20.27 2.94 37.15
C GLY B 66 19.66 2.06 36.07
N ASP B 67 19.29 2.62 34.93
CA ASP B 67 18.76 1.71 33.88
C ASP B 67 19.83 1.19 32.91
N GLU B 68 21.00 1.84 32.88
CA GLU B 68 22.11 1.50 31.91
C GLU B 68 22.74 0.18 32.35
N GLN B 69 23.04 -0.70 31.39
CA GLN B 69 23.73 -1.96 31.64
C GLN B 69 24.82 -2.06 30.62
N SER B 70 26.03 -2.39 31.06
CA SER B 70 27.17 -2.42 30.10
C SER B 70 27.63 -3.84 30.10
N ARG B 71 28.04 -4.32 28.91
CA ARG B 71 28.56 -5.66 28.73
C ARG B 71 29.74 -5.57 27.76
N ARG B 72 30.77 -6.38 28.05
CA ARG B 72 31.87 -6.47 27.11
C ARG B 72 31.40 -7.22 25.86
N VAL B 73 31.91 -6.77 24.73
CA VAL B 73 31.69 -7.49 23.46
C VAL B 73 32.74 -8.59 23.31
N ALA B 74 32.29 -9.84 23.35
CA ALA B 74 33.16 -11.03 23.25
C ALA B 74 33.48 -11.40 21.78
N GLN B 75 32.56 -11.12 20.85
CA GLN B 75 32.83 -11.55 19.43
C GLN B 75 32.14 -10.58 18.48
N VAL B 76 32.79 -10.23 17.38
CA VAL B 76 32.18 -9.36 16.32
C VAL B 76 32.28 -10.24 15.05
N ILE B 77 31.13 -10.61 14.54
CA ILE B 77 31.12 -11.53 13.40
C ILE B 77 30.60 -10.77 12.16
N ILE B 78 31.39 -10.75 11.08
CA ILE B 78 31.09 -9.94 9.90
C ILE B 78 31.10 -10.93 8.71
N PRO B 79 30.26 -10.69 7.69
CA PRO B 79 30.35 -11.63 6.53
C PRO B 79 31.72 -11.55 5.82
N SER B 80 32.23 -12.69 5.39
CA SER B 80 33.54 -12.65 4.69
C SER B 80 33.49 -11.86 3.38
N THR B 81 32.31 -11.81 2.75
CA THR B 81 32.11 -11.02 1.55
C THR B 81 32.19 -9.53 1.80
N TYR B 82 32.02 -9.03 3.03
CA TYR B 82 32.17 -7.56 3.28
C TYR B 82 33.59 -7.05 2.95
N VAL B 83 33.71 -5.90 2.25
CA VAL B 83 35.03 -5.31 1.94
C VAL B 83 35.15 -3.97 2.65
N PRO B 84 36.10 -3.85 3.63
CA PRO B 84 36.28 -2.58 4.33
C PRO B 84 36.46 -1.45 3.33
N GLY B 85 35.89 -0.30 3.65
CA GLY B 85 35.89 0.82 2.72
C GLY B 85 34.72 0.85 1.76
N THR B 86 33.97 -0.25 1.67
CA THR B 86 32.78 -0.25 0.80
C THR B 86 31.46 -0.49 1.60
N THR B 87 30.31 -0.51 0.91
CA THR B 87 29.02 -0.53 1.65
C THR B 87 28.27 -1.85 1.61
N ASN B 88 28.59 -2.76 0.70
CA ASN B 88 27.80 -4.00 0.56
C ASN B 88 28.02 -4.97 1.72
N HIS B 89 26.97 -5.69 2.13
CA HIS B 89 27.08 -6.71 3.24
C HIS B 89 27.41 -5.98 4.54
N ASP B 90 26.73 -4.87 4.80
CA ASP B 90 27.15 -4.00 5.89
C ASP B 90 26.40 -4.43 7.18
N ILE B 91 26.83 -5.53 7.76
CA ILE B 91 26.16 -6.12 8.96
C ILE B 91 27.21 -6.75 9.86
N ALA B 92 26.99 -6.73 11.19
CA ALA B 92 27.90 -7.41 12.15
C ALA B 92 27.00 -7.97 13.21
N LEU B 93 27.38 -9.12 13.74
CA LEU B 93 26.66 -9.73 14.84
C LEU B 93 27.63 -9.76 16.01
N LEU B 94 27.22 -9.21 17.15
CA LEU B 94 28.10 -9.15 18.30
C LEU B 94 27.58 -10.01 19.44
N ARG B 95 28.45 -10.88 19.94
CA ARG B 95 28.10 -11.73 21.09
C ARG B 95 28.53 -11.00 22.39
N LEU B 96 27.62 -10.81 23.30
CA LEU B 96 28.00 -10.13 24.54
C LEU B 96 28.63 -11.19 25.47
N HIS B 97 29.58 -10.75 26.28
CA HIS B 97 30.33 -11.69 27.18
C HIS B 97 29.41 -12.30 28.25
N GLN B 98 28.49 -11.51 28.80
CA GLN B 98 27.42 -12.03 29.65
C GLN B 98 26.12 -11.41 29.17
N PRO B 99 24.97 -12.05 29.45
CA PRO B 99 23.66 -11.60 29.01
C PRO B 99 23.32 -10.33 29.72
N VAL B 100 22.61 -9.46 29.01
CA VAL B 100 21.98 -8.34 29.72
C VAL B 100 20.71 -8.88 30.43
N VAL B 101 20.23 -8.12 31.40
CA VAL B 101 19.04 -8.52 32.12
C VAL B 101 17.86 -7.71 31.59
N LEU B 102 16.83 -8.41 31.13
CA LEU B 102 15.67 -7.73 30.56
C LEU B 102 14.97 -6.90 31.63
N THR B 103 14.55 -5.70 31.26
CA THR B 103 13.84 -4.81 32.16
C THR B 103 12.87 -3.96 31.38
N ASP B 104 12.15 -3.10 32.08
CA ASP B 104 11.28 -2.15 31.41
C ASP B 104 12.09 -1.23 30.46
N HIS B 105 13.39 -1.06 30.67
CA HIS B 105 14.23 -0.20 29.79
C HIS B 105 15.14 -0.97 28.83
N VAL B 106 15.11 -2.30 28.90
CA VAL B 106 16.08 -3.13 28.09
C VAL B 106 15.29 -4.34 27.55
N VAL B 107 14.91 -4.28 26.23
CA VAL B 107 14.06 -5.36 25.64
C VAL B 107 14.63 -5.59 24.22
N PRO B 108 14.70 -6.84 23.73
CA PRO B 108 15.22 -7.07 22.37
C PRO B 108 14.11 -6.77 21.35
N LEU B 109 14.55 -6.40 20.15
CA LEU B 109 13.70 -6.29 18.98
C LEU B 109 13.61 -7.66 18.33
N CYS B 110 12.48 -7.99 17.73
CA CYS B 110 12.36 -9.38 17.18
C CYS B 110 13.07 -9.46 15.87
N LEU B 111 13.90 -10.48 15.74
CA LEU B 111 14.48 -10.78 14.41
C LEU B 111 13.46 -11.70 13.69
N PRO B 112 12.94 -11.28 12.54
CA PRO B 112 11.79 -11.95 11.94
C PRO B 112 12.31 -13.11 11.11
N GLU B 113 11.41 -14.01 10.69
CA GLU B 113 11.76 -14.97 9.63
C GLU B 113 11.91 -14.25 8.27
N ARG B 114 12.74 -14.79 7.36
CA ARG B 114 12.89 -14.16 6.05
C ARG B 114 11.60 -13.98 5.25
N THR B 115 10.76 -15.03 5.14
CA THR B 115 9.60 -14.94 4.26
C THR B 115 8.60 -13.92 4.77
N PHE B 116 8.35 -13.90 6.07
CA PHE B 116 7.52 -12.90 6.71
C PHE B 116 8.12 -11.49 6.41
N SER B 117 9.41 -11.35 6.58
CA SER B 117 9.98 -10.04 6.34
C SER B 117 9.84 -9.61 4.85
N GLU B 118 10.04 -10.51 3.92
CA GLU B 118 10.02 -10.19 2.49
C GLU B 118 8.62 -9.95 1.99
N ARG B 119 7.67 -10.72 2.53
CA ARG B 119 6.36 -10.72 1.97
C ARG B 119 5.37 -9.81 2.70
N THR B 120 5.66 -9.50 4.00
CA THR B 120 4.73 -8.72 4.76
C THR B 120 5.42 -7.46 5.25
N LEU B 121 6.51 -7.60 6.01
CA LEU B 121 7.14 -6.38 6.62
C LEU B 121 7.62 -5.38 5.57
N ALA B 122 8.12 -5.93 4.48
CA ALA B 122 8.65 -5.02 3.41
C ALA B 122 7.64 -4.07 2.86
N PHE B 123 6.36 -4.34 3.10
CA PHE B 123 5.27 -3.46 2.52
C PHE B 123 4.57 -2.58 3.50
N VAL B 124 5.12 -2.58 4.72
CA VAL B 124 4.67 -1.62 5.70
C VAL B 124 5.46 -0.35 5.31
N ARG B 125 4.73 0.79 5.12
CA ARG B 125 5.35 1.98 4.57
C ARG B 125 6.44 2.57 5.54
N PHE B 126 6.06 2.80 6.78
CA PHE B 126 6.95 3.54 7.73
C PHE B 126 7.59 2.64 8.73
N SER B 127 8.82 2.99 9.11
CA SER B 127 9.55 2.34 10.20
C SER B 127 10.36 3.34 10.95
N LEU B 128 10.76 2.99 12.17
CA LEU B 128 11.52 3.97 13.03
C LEU B 128 13.02 3.70 12.87
N VAL B 129 13.80 4.76 12.66
CA VAL B 129 15.30 4.70 12.76
C VAL B 129 15.73 5.55 13.98
N SER B 130 16.82 5.14 14.63
CA SER B 130 17.20 5.89 15.83
C SER B 130 18.72 5.86 16.02
N GLY B 131 19.18 6.82 16.83
CA GLY B 131 20.61 6.84 17.23
C GLY B 131 21.01 8.16 17.91
N TRP B 132 22.26 8.16 18.33
CA TRP B 132 22.91 9.36 18.90
C TRP B 132 23.88 9.96 17.88
N GLY B 133 23.71 9.69 16.60
CA GLY B 133 24.60 10.29 15.57
C GLY B 133 24.43 11.78 15.28
N GLN B 134 25.03 12.23 14.17
CA GLN B 134 24.98 13.66 13.89
C GLN B 134 23.55 14.17 13.68
N LEU B 135 23.33 15.38 14.20
CA LEU B 135 22.05 16.09 14.05
C LEU B 135 21.90 16.84 12.71
N LEU B 136 23.04 17.12 12.08
CA LEU B 136 23.12 17.67 10.74
C LEU B 136 24.30 17.02 10.08
N ASP B 137 24.28 16.96 8.75
CA ASP B 137 25.44 16.41 8.10
C ASP B 137 26.56 17.36 8.53
N ARG B 138 27.68 16.79 8.98
CA ARG B 138 28.81 17.58 9.43
C ARG B 138 28.53 18.43 10.67
N GLY B 139 27.63 17.92 11.52
CA GLY B 139 27.21 18.57 12.75
C GLY B 139 27.41 17.66 13.94
N ALA B 140 27.49 18.25 15.13
CA ALA B 140 27.74 17.51 16.36
C ALA B 140 26.65 16.48 16.72
N THR B 141 27.11 15.34 17.24
CA THR B 141 26.25 14.22 17.65
C THR B 141 25.26 14.62 18.75
N ALA B 142 24.23 13.78 18.93
CA ALA B 142 23.18 14.01 19.90
C ALA B 142 23.46 13.47 21.29
N LEU B 143 23.13 14.28 22.31
CA LEU B 143 23.22 13.79 23.69
C LEU B 143 22.04 12.94 24.13
N GLU B 144 20.84 13.21 23.59
CA GLU B 144 19.66 12.38 23.91
C GLU B 144 19.28 11.52 22.70
N LEU B 145 18.95 10.27 22.96
CA LEU B 145 18.57 9.39 21.81
C LEU B 145 17.51 10.02 20.90
N MET B 146 17.74 10.00 19.58
CA MET B 146 16.81 10.64 18.68
C MET B 146 16.14 9.52 17.84
N VAL B 147 14.94 9.79 17.38
CA VAL B 147 14.21 8.78 16.56
C VAL B 147 13.48 9.50 15.45
N LEU B 148 13.24 8.76 14.35
CA LEU B 148 12.68 9.34 13.13
C LEU B 148 11.83 8.29 12.45
N ASN B 149 10.60 8.64 12.04
CA ASN B 149 9.82 7.70 11.26
C ASN B 149 10.16 7.93 9.74
N VAL B 150 10.52 6.86 9.00
CA VAL B 150 10.87 7.03 7.57
C VAL B 150 10.10 6.04 6.68
N PRO B 151 9.71 6.46 5.44
CA PRO B 151 9.04 5.52 4.53
C PRO B 151 10.02 4.80 3.68
N ARG B 152 9.69 3.52 3.41
CA ARG B 152 10.57 2.64 2.58
C ARG B 152 10.20 2.69 1.09
N LEU B 153 11.22 2.64 0.24
CA LEU B 153 11.07 2.55 -1.21
C LEU B 153 11.61 1.21 -1.72
N MET B 154 10.93 0.65 -2.73
CA MET B 154 11.60 -0.40 -3.55
C MET B 154 12.75 0.26 -4.33
N THR B 155 13.76 -0.53 -4.63
CA THR B 155 14.99 0.01 -5.23
C THR B 155 14.78 0.68 -6.60
N GLN B 156 13.93 0.08 -7.44
CA GLN B 156 13.65 0.72 -8.71
C GLN B 156 13.15 2.16 -8.51
N ASP B 157 12.24 2.42 -7.55
CA ASP B 157 11.80 3.77 -7.31
C ASP B 157 12.94 4.65 -6.75
N CYS B 158 13.74 4.06 -5.87
CA CYS B 158 14.78 4.83 -5.21
C CYS B 158 15.75 5.26 -6.33
N LEU B 159 16.12 4.35 -7.23
CA LEU B 159 17.11 4.68 -8.25
C LEU B 159 16.68 5.77 -9.23
N GLN B 160 15.44 5.71 -9.71
CA GLN B 160 14.97 6.72 -10.67
C GLN B 160 14.90 8.14 -10.09
N GLN B 161 14.35 8.25 -8.88
CA GLN B 161 14.21 9.54 -8.20
C GLN B 161 15.55 10.19 -7.84
N SER B 162 16.48 9.36 -7.38
CA SER B 162 17.76 9.80 -6.87
C SER B 162 18.60 10.53 -7.91
N ARG B 163 19.09 11.70 -7.50
CA ARG B 163 20.06 12.44 -8.30
C ARG B 163 21.31 11.59 -8.56
N LYS B 164 21.63 11.42 -9.84
CA LYS B 164 22.82 10.68 -10.20
C LYS B 164 24.11 11.25 -9.61
N VAL B 165 24.90 10.38 -8.99
CA VAL B 165 26.21 10.79 -8.53
C VAL B 165 27.26 9.89 -9.19
N GLY B 166 28.21 10.48 -9.90
CA GLY B 166 29.28 9.69 -10.47
C GLY B 166 30.15 9.10 -9.36
N ASP B 167 30.53 7.83 -9.50
CA ASP B 167 31.41 7.19 -8.53
C ASP B 167 30.76 6.75 -7.21
N SER B 168 29.43 6.76 -7.15
CA SER B 168 28.72 6.35 -5.93
C SER B 168 28.50 4.81 -5.82
N PRO B 169 28.32 4.30 -4.58
CA PRO B 169 28.17 2.85 -4.45
C PRO B 169 26.86 2.40 -5.09
N ASN B 170 26.74 1.13 -5.66
CA ASN B 170 25.57 0.54 -6.29
C ASN B 170 24.57 0.25 -5.16
N ILE B 171 23.27 0.34 -5.44
CA ILE B 171 22.28 -0.18 -4.42
C ILE B 171 22.00 -1.62 -4.74
N THR B 172 22.41 -2.53 -3.87
CA THR B 172 22.36 -3.98 -4.19
C THR B 172 21.12 -4.63 -3.58
N GLU B 173 20.91 -5.91 -3.86
CA GLU B 173 19.79 -6.67 -3.27
C GLU B 173 19.98 -6.83 -1.74
N TYR B 174 21.15 -6.44 -1.25
CA TYR B 174 21.45 -6.57 0.19
C TYR B 174 21.13 -5.23 0.90
N MET B 175 20.52 -4.27 0.20
CA MET B 175 20.21 -2.98 0.79
C MET B 175 18.92 -2.38 0.23
N PHE B 176 18.28 -1.55 1.03
CA PHE B 176 17.05 -0.87 0.61
C PHE B 176 17.06 0.59 1.05
N CYS B 177 16.42 1.46 0.27
CA CYS B 177 16.32 2.92 0.64
C CYS B 177 15.15 3.21 1.51
N ALA B 178 15.28 4.22 2.37
CA ALA B 178 14.12 4.70 3.10
C ALA B 178 14.45 6.17 3.40
N GLY B 179 13.41 6.97 3.57
CA GLY B 179 13.57 8.37 4.01
C GLY B 179 12.91 9.32 3.03
N TYR B 180 13.54 10.46 2.83
CA TYR B 180 12.95 11.57 2.07
C TYR B 180 14.06 12.22 1.26
N SER B 181 13.70 12.71 0.06
CA SER B 181 14.66 13.17 -0.91
C SER B 181 14.68 14.70 -0.85
N ASP B 182 13.84 15.26 0.00
CA ASP B 182 13.66 16.73 -0.04
C ASP B 182 14.53 17.48 0.94
N GLY B 183 15.54 16.81 1.52
CA GLY B 183 16.47 17.50 2.43
C GLY B 183 16.03 17.64 3.90
N SER B 184 14.92 17.02 4.34
CA SER B 184 14.29 17.38 5.63
C SER B 184 14.72 16.44 6.74
N LYS B 185 14.84 15.15 6.41
CA LYS B 185 14.90 14.08 7.46
C LYS B 185 15.71 12.89 6.97
N ASP B 186 16.61 12.33 7.81
CA ASP B 186 17.41 11.18 7.42
C ASP B 186 18.12 10.68 8.68
N SER B 187 18.66 9.43 8.64
CA SER B 187 19.73 9.11 9.58
C SER B 187 21.06 9.69 9.10
N CYS B 188 22.11 9.57 9.89
CA CYS B 188 23.36 10.27 9.54
C CYS B 188 24.56 9.56 10.15
N LYS B 189 25.76 10.07 9.89
CA LYS B 189 26.95 9.53 10.45
C LYS B 189 26.85 9.44 11.97
N GLY B 190 27.22 8.29 12.50
CA GLY B 190 27.20 8.03 13.97
C GLY B 190 25.90 7.27 14.34
N ASP B 191 24.91 7.24 13.44
CA ASP B 191 23.74 6.38 13.60
C ASP B 191 23.93 4.97 13.09
N SER B 192 25.03 4.70 12.38
CA SER B 192 25.21 3.37 11.76
C SER B 192 25.08 2.23 12.78
N GLY B 193 24.47 1.12 12.39
CA GLY B 193 24.38 -0.03 13.27
C GLY B 193 23.03 -0.01 14.01
N GLY B 194 22.40 1.17 14.05
CA GLY B 194 21.14 1.35 14.77
C GLY B 194 19.99 0.72 14.02
N PRO B 195 18.89 0.44 14.72
CA PRO B 195 17.79 -0.28 14.03
C PRO B 195 16.95 0.55 13.11
N HIS B 196 16.49 -0.08 12.01
CA HIS B 196 15.31 0.35 11.26
C HIS B 196 14.26 -0.72 11.69
N ALA B 197 13.26 -0.29 12.43
CA ALA B 197 12.34 -1.19 13.16
C ALA B 197 10.95 -0.99 12.63
N THR B 198 10.25 -2.09 12.36
CA THR B 198 8.96 -2.00 11.70
C THR B 198 7.91 -2.63 12.59
N HIS B 199 6.80 -1.91 12.72
CA HIS B 199 5.69 -2.35 13.61
C HIS B 199 4.66 -3.11 12.79
N TYR B 200 4.29 -4.32 13.21
CA TYR B 200 3.26 -5.07 12.43
C TYR B 200 2.42 -5.82 13.48
N ARG B 201 1.12 -5.55 13.47
CA ARG B 201 0.13 -6.27 14.26
C ARG B 201 0.54 -6.41 15.74
N GLY B 202 0.91 -5.26 16.31
CA GLY B 202 1.32 -5.16 17.73
C GLY B 202 2.74 -5.59 18.15
N THR B 203 3.64 -5.88 17.22
CA THR B 203 4.99 -6.31 17.59
C THR B 203 5.98 -5.60 16.67
N TRP B 204 7.16 -5.30 17.20
CA TRP B 204 8.17 -4.59 16.42
C TRP B 204 9.23 -5.54 15.94
N TYR B 205 9.66 -5.40 14.67
CA TYR B 205 10.66 -6.26 14.07
C TYR B 205 11.88 -5.55 13.46
N LEU B 206 13.03 -6.20 13.44
CA LEU B 206 14.20 -5.57 12.83
C LEU B 206 14.15 -5.85 11.33
N THR B 207 14.04 -4.78 10.54
CA THR B 207 14.02 -4.89 9.08
C THR B 207 15.26 -4.24 8.44
N GLY B 208 15.91 -3.29 9.12
CA GLY B 208 17.12 -2.64 8.48
C GLY B 208 18.14 -2.24 9.53
N ILE B 209 19.34 -1.98 9.03
CA ILE B 209 20.45 -1.44 9.83
C ILE B 209 20.91 -0.14 9.14
N VAL B 210 21.03 0.96 9.91
CA VAL B 210 21.55 2.19 9.34
C VAL B 210 22.91 1.90 8.76
N SER B 211 23.10 2.29 7.49
CA SER B 211 24.31 1.85 6.78
C SER B 211 25.04 2.95 6.04
N TRP B 212 24.43 3.52 5.01
CA TRP B 212 25.09 4.56 4.25
C TRP B 212 24.14 5.48 3.55
N GLY B 213 24.60 6.70 3.31
CA GLY B 213 23.84 7.70 2.61
C GLY B 213 24.82 8.73 2.08
N GLN B 214 24.41 9.53 1.10
CA GLN B 214 25.29 10.56 0.62
C GLN B 214 25.06 11.70 1.60
N GLY B 215 26.09 12.05 2.36
CA GLY B 215 25.92 13.06 3.38
C GLY B 215 24.82 12.56 4.30
N CYS B 216 23.83 13.43 4.54
CA CYS B 216 22.69 13.10 5.35
C CYS B 216 21.61 14.08 4.94
N ALA B 217 20.44 13.58 4.58
CA ALA B 217 19.32 14.44 4.16
C ALA B 217 19.80 15.41 3.08
N THR B 218 20.46 14.87 2.08
CA THR B 218 20.92 15.60 0.86
C THR B 218 19.66 15.64 0.00
N VAL B 219 19.39 16.77 -0.66
CA VAL B 219 18.37 16.74 -1.69
C VAL B 219 18.68 15.77 -2.83
N GLY B 220 17.65 15.02 -3.23
CA GLY B 220 17.74 14.00 -4.30
C GLY B 220 18.34 12.67 -3.89
N HIS B 221 18.40 12.42 -2.58
CA HIS B 221 18.98 11.18 -2.03
C HIS B 221 18.20 10.71 -0.82
N PHE B 222 18.22 9.39 -0.59
CA PHE B 222 17.53 8.72 0.56
C PHE B 222 18.64 8.08 1.37
N GLY B 223 18.34 7.68 2.59
CA GLY B 223 19.25 6.84 3.40
C GLY B 223 19.18 5.43 2.85
N VAL B 224 20.29 4.71 3.02
CA VAL B 224 20.31 3.33 2.56
C VAL B 224 20.64 2.47 3.75
N TYR B 225 19.91 1.36 3.81
CA TYR B 225 19.88 0.49 4.99
C TYR B 225 20.23 -0.91 4.58
N THR B 226 20.96 -1.63 5.45
CA THR B 226 21.19 -3.05 5.13
C THR B 226 19.91 -3.84 5.22
N ARG B 227 19.63 -4.62 4.19
CA ARG B 227 18.40 -5.38 4.16
C ARG B 227 18.73 -6.52 5.08
N VAL B 228 18.01 -6.56 6.19
CA VAL B 228 18.28 -7.63 7.22
C VAL B 228 17.67 -8.99 6.79
N SER B 229 16.57 -8.95 6.03
CA SER B 229 15.93 -10.22 5.59
C SER B 229 16.91 -11.14 4.80
N GLN B 230 17.91 -10.60 4.13
CA GLN B 230 18.84 -11.42 3.31
C GLN B 230 19.82 -12.15 4.25
N TYR B 231 19.82 -11.85 5.58
CA TYR B 231 20.83 -12.43 6.49
C TYR B 231 20.26 -13.31 7.63
N ILE B 232 18.95 -13.53 7.62
CA ILE B 232 18.27 -14.24 8.73
C ILE B 232 18.93 -15.60 8.92
N GLU B 233 19.05 -16.39 7.83
CA GLU B 233 19.67 -17.72 8.04
C GLU B 233 21.14 -17.64 8.48
N TRP B 234 21.89 -16.66 7.98
CA TRP B 234 23.26 -16.48 8.34
C TRP B 234 23.36 -16.11 9.86
N LEU B 235 22.48 -15.23 10.32
CA LEU B 235 22.50 -14.78 11.73
C LEU B 235 22.10 -15.95 12.65
N GLN B 236 21.05 -16.67 12.26
CA GLN B 236 20.57 -17.80 13.07
C GLN B 236 21.66 -18.87 13.23
N LYS B 237 22.36 -19.18 12.16
CA LYS B 237 23.37 -20.23 12.22
C LYS B 237 24.52 -19.77 13.14
N LEU B 238 24.96 -18.54 12.94
CA LEU B 238 26.07 -18.00 13.72
C LEU B 238 25.75 -17.86 15.19
N MET B 239 24.48 -17.62 15.52
CA MET B 239 24.09 -17.50 16.95
C MET B 239 24.13 -18.87 17.69
N ARG B 240 24.07 -19.94 16.90
CA ARG B 240 24.27 -21.32 17.38
C ARG B 240 25.76 -21.75 17.48
N SER B 241 26.70 -20.95 16.97
CA SER B 241 28.12 -21.28 16.93
C SER B 241 28.77 -21.15 18.30
N GLU B 242 29.89 -21.83 18.47
CA GLU B 242 30.61 -21.83 19.72
C GLU B 242 31.57 -20.66 19.70
N PRO B 243 31.80 -20.01 20.88
CA PRO B 243 32.78 -18.88 20.89
C PRO B 243 34.22 -19.31 20.46
N ARG B 244 34.89 -18.43 19.70
CA ARG B 244 36.28 -18.52 19.30
C ARG B 244 37.14 -17.71 20.29
N PRO B 245 38.48 -17.92 20.32
CA PRO B 245 39.29 -17.04 21.15
C PRO B 245 39.48 -15.54 20.72
N GLY B 246 39.73 -15.24 19.44
CA GLY B 246 39.87 -13.82 18.96
C GLY B 246 38.47 -13.15 18.87
N VAL B 247 38.39 -11.83 18.86
CA VAL B 247 37.06 -11.20 18.91
C VAL B 247 36.43 -11.23 17.47
N LEU B 248 37.20 -10.76 16.50
CA LEU B 248 36.70 -10.62 15.11
C LEU B 248 36.64 -11.97 14.45
N LEU B 249 35.48 -12.39 13.92
CA LEU B 249 35.36 -13.55 13.10
C LEU B 249 34.77 -13.09 11.73
N ARG B 250 35.50 -13.33 10.66
CA ARG B 250 34.90 -13.23 9.29
C ARG B 250 34.25 -14.58 8.91
N ALA B 251 32.93 -14.60 8.80
CA ALA B 251 32.25 -15.89 8.54
C ALA B 251 31.66 -15.92 7.14
N PRO B 252 31.74 -17.08 6.47
CA PRO B 252 31.29 -17.15 5.08
C PRO B 252 29.80 -16.76 4.92
N PHE B 253 29.48 -16.12 3.81
CA PHE B 253 28.12 -15.76 3.49
C PHE B 253 27.93 -16.14 2.03
N PRO B 254 26.88 -16.87 1.69
CA PRO B 254 25.70 -17.26 2.46
C PRO B 254 25.92 -18.28 3.57
N THR C 1 11.11 -12.26 -17.95
CA THR C 1 9.93 -11.38 -17.63
C THR C 1 10.02 -9.98 -18.19
N VAL C 2 8.87 -9.34 -18.41
CA VAL C 2 8.84 -7.97 -18.84
C VAL C 2 7.89 -7.16 -17.93
N ALA C 3 8.21 -5.90 -17.65
CA ALA C 3 7.30 -5.08 -16.84
C ALA C 3 6.01 -4.78 -17.60
N ALA C 4 4.88 -4.74 -16.88
CA ALA C 4 3.64 -4.24 -17.41
C ALA C 4 3.76 -2.80 -17.89
N TYR C 5 2.91 -2.39 -18.84
CA TYR C 5 2.95 -1.02 -19.30
C TYR C 5 1.56 -0.59 -19.70
N ASN C 6 1.37 0.70 -20.04
CA ASN C 6 0.04 1.27 -20.34
C ASN C 6 -0.95 0.94 -19.25
N LEU C 7 -0.51 1.12 -18.01
CA LEU C 7 -1.41 1.02 -16.90
C LEU C 7 -2.46 2.12 -16.93
N THR C 8 -3.72 1.71 -16.89
CA THR C 8 -4.82 2.66 -17.11
C THR C 8 -5.93 2.39 -16.13
N TRP C 9 -6.51 3.45 -15.54
CA TRP C 9 -7.66 3.31 -14.64
C TRP C 9 -8.99 3.37 -15.37
N LYS C 10 -9.80 2.32 -15.29
CA LYS C 10 -11.14 2.31 -15.85
C LYS C 10 -12.16 2.40 -14.74
N SER C 11 -12.91 3.54 -14.68
CA SER C 11 -13.73 3.71 -13.50
C SER C 11 -15.00 4.48 -13.86
N THR C 12 -16.12 3.88 -13.47
CA THR C 12 -17.44 4.46 -13.69
C THR C 12 -18.23 4.28 -12.38
N ASN C 13 -18.83 5.37 -11.86
CA ASN C 13 -19.62 5.27 -10.60
C ASN C 13 -18.84 4.52 -9.46
N PHE C 14 -17.53 4.77 -9.45
CA PHE C 14 -16.58 4.19 -8.47
C PHE C 14 -16.24 2.73 -8.71
N LYS C 15 -16.89 2.07 -9.66
CA LYS C 15 -16.39 0.71 -9.98
C LYS C 15 -15.08 0.95 -10.69
N THR C 16 -13.95 0.37 -10.19
CA THR C 16 -12.68 0.88 -10.59
C THR C 16 -11.75 -0.29 -10.86
N ILE C 17 -11.38 -0.38 -12.13
CA ILE C 17 -10.56 -1.52 -12.60
C ILE C 17 -9.28 -1.02 -13.19
N LEU C 18 -8.13 -1.56 -12.74
CA LEU C 18 -6.88 -1.18 -13.35
C LEU C 18 -6.64 -2.16 -14.53
N GLU C 19 -6.16 -1.65 -15.67
CA GLU C 19 -5.87 -2.50 -16.84
C GLU C 19 -4.44 -2.22 -17.26
N TRP C 20 -3.79 -3.22 -17.85
CA TRP C 20 -2.45 -3.03 -18.29
C TRP C 20 -2.20 -3.93 -19.52
N GLU C 21 -1.01 -3.76 -20.07
CA GLU C 21 -0.44 -4.65 -21.07
C GLU C 21 0.90 -5.22 -20.54
N PRO C 22 1.46 -6.28 -21.18
CA PRO C 22 0.83 -7.08 -22.21
C PRO C 22 0.25 -8.36 -21.60
N LYS C 23 -0.49 -9.09 -22.40
CA LYS C 23 -0.73 -10.53 -22.17
C LYS C 23 0.51 -11.30 -21.71
N PRO C 24 0.39 -12.07 -20.57
CA PRO C 24 1.66 -12.70 -20.17
C PRO C 24 1.96 -14.02 -20.91
N VAL C 25 3.26 -14.26 -21.02
CA VAL C 25 3.85 -15.48 -21.56
C VAL C 25 4.95 -15.86 -20.59
N ASN C 26 4.72 -16.97 -19.90
CA ASN C 26 5.59 -17.44 -18.82
C ASN C 26 5.83 -16.43 -17.69
N GLN C 27 4.79 -15.67 -17.36
CA GLN C 27 4.82 -14.73 -16.21
C GLN C 27 3.38 -14.46 -15.76
N VAL C 28 3.24 -14.06 -14.51
CA VAL C 28 1.92 -13.90 -13.91
C VAL C 28 2.10 -12.56 -13.18
N TYR C 29 1.00 -12.02 -12.67
CA TYR C 29 1.02 -10.67 -12.11
C TYR C 29 0.46 -10.67 -10.69
N THR C 30 0.90 -9.70 -9.85
CA THR C 30 0.19 -9.36 -8.63
C THR C 30 0.14 -7.83 -8.59
N VAL C 31 -0.99 -7.33 -8.14
CA VAL C 31 -1.15 -5.85 -8.04
C VAL C 31 -1.03 -5.41 -6.57
N GLN C 32 -0.46 -4.21 -6.33
CA GLN C 32 -0.54 -3.61 -5.00
C GLN C 32 -1.19 -2.23 -5.13
N ILE C 33 -1.89 -1.81 -4.07
CA ILE C 33 -2.40 -0.44 -4.11
C ILE C 33 -2.14 0.22 -2.75
N SER C 34 -1.93 1.53 -2.79
CA SER C 34 -1.73 2.23 -1.52
C SER C 34 -2.22 3.66 -1.66
N THR C 35 -2.29 4.34 -0.51
CA THR C 35 -2.30 5.80 -0.49
C THR C 35 -0.87 6.29 -0.18
N LYS C 36 -0.59 7.58 -0.34
CA LYS C 36 0.80 8.02 -0.31
C LYS C 36 1.48 7.73 0.99
N SER C 37 0.77 7.75 2.10
CA SER C 37 1.41 7.39 3.36
C SER C 37 1.02 6.03 3.96
N GLY C 38 0.16 5.28 3.28
CA GLY C 38 -0.35 4.04 3.82
C GLY C 38 0.47 2.82 3.37
N ASP C 39 0.12 1.66 3.90
CA ASP C 39 0.83 0.43 3.58
C ASP C 39 0.33 -0.09 2.25
N TRP C 40 1.12 -0.94 1.59
CA TRP C 40 0.69 -1.50 0.30
C TRP C 40 -0.16 -2.77 0.53
N LYS C 41 -1.30 -2.85 -0.15
CA LYS C 41 -2.19 -3.99 -0.03
C LYS C 41 -2.14 -4.73 -1.39
N SER C 42 -1.97 -6.06 -1.32
CA SER C 42 -1.91 -6.90 -2.52
C SER C 42 -3.31 -7.32 -2.97
N LYS C 43 -3.49 -7.42 -4.27
CA LYS C 43 -4.77 -7.79 -4.87
C LYS C 43 -4.45 -8.65 -6.13
N CYS C 44 -5.42 -9.47 -6.59
CA CYS C 44 -5.27 -10.24 -7.84
C CYS C 44 -3.99 -11.08 -7.86
N PHE C 45 -3.79 -11.88 -6.79
CA PHE C 45 -2.50 -12.60 -6.58
C PHE C 45 -2.23 -13.63 -7.69
N TYR C 46 -1.07 -13.52 -8.35
CA TYR C 46 -0.59 -14.41 -9.45
C TYR C 46 -1.63 -14.57 -10.54
N THR C 47 -2.29 -13.49 -10.92
CA THR C 47 -3.35 -13.59 -11.96
C THR C 47 -2.63 -13.71 -13.27
N THR C 48 -3.27 -14.28 -14.29
CA THR C 48 -2.77 -14.19 -15.65
C THR C 48 -3.69 -13.24 -16.44
N ASP C 49 -4.71 -12.68 -15.78
CA ASP C 49 -5.55 -11.57 -16.34
C ASP C 49 -4.60 -10.30 -16.49
N THR C 50 -5.05 -9.33 -17.28
CA THR C 50 -4.37 -8.07 -17.46
C THR C 50 -5.30 -6.97 -16.99
N GLU C 51 -6.08 -7.30 -15.98
CA GLU C 51 -6.93 -6.33 -15.28
C GLU C 51 -6.99 -6.71 -13.81
N CYS C 52 -7.37 -5.74 -12.94
CA CYS C 52 -7.50 -6.05 -11.55
C CYS C 52 -8.57 -5.11 -10.96
N ASP C 53 -9.69 -5.67 -10.49
CA ASP C 53 -10.72 -4.86 -9.79
C ASP C 53 -10.14 -4.32 -8.49
N LEU C 54 -10.16 -2.99 -8.37
CA LEU C 54 -9.68 -2.32 -7.11
C LEU C 54 -10.80 -1.53 -6.40
N THR C 55 -12.03 -1.78 -6.82
CA THR C 55 -13.20 -1.02 -6.31
C THR C 55 -13.22 -1.10 -4.76
N ASP C 56 -13.05 -2.32 -4.18
CA ASP C 56 -13.27 -2.44 -2.72
C ASP C 56 -12.24 -1.66 -1.93
N GLU C 57 -11.06 -1.43 -2.50
CA GLU C 57 -10.07 -0.65 -1.80
C GLU C 57 -10.41 0.85 -1.92
N ILE C 58 -10.77 1.30 -3.13
CA ILE C 58 -10.88 2.78 -3.32
C ILE C 58 -12.15 3.36 -2.72
N VAL C 59 -13.19 2.52 -2.57
CA VAL C 59 -14.45 3.00 -1.97
C VAL C 59 -14.37 3.17 -0.44
N LYS C 60 -13.28 2.73 0.17
CA LYS C 60 -13.00 3.00 1.56
C LYS C 60 -12.81 4.51 1.78
N ASP C 61 -12.26 5.23 0.78
CA ASP C 61 -12.23 6.70 0.79
C ASP C 61 -12.10 7.28 -0.61
N VAL C 62 -13.18 7.76 -1.20
CA VAL C 62 -13.13 8.05 -2.64
C VAL C 62 -12.40 9.36 -2.92
N LYS C 63 -12.12 10.12 -1.86
CA LYS C 63 -11.42 11.37 -2.03
C LYS C 63 -9.94 11.23 -1.80
N GLN C 64 -9.47 10.04 -1.37
CA GLN C 64 -8.03 9.83 -1.29
C GLN C 64 -7.41 9.71 -2.68
N THR C 65 -6.11 9.81 -2.76
CA THR C 65 -5.41 9.61 -3.98
C THR C 65 -4.58 8.30 -3.86
N TYR C 66 -4.76 7.42 -4.85
CA TYR C 66 -4.27 6.01 -4.80
C TYR C 66 -3.18 5.81 -5.85
N LEU C 67 -2.18 5.00 -5.48
CA LEU C 67 -1.16 4.63 -6.45
C LEU C 67 -1.18 3.11 -6.51
N ALA C 68 -1.14 2.54 -7.72
CA ALA C 68 -1.09 1.05 -7.83
C ALA C 68 0.21 0.71 -8.53
N ARG C 69 0.63 -0.53 -8.39
CA ARG C 69 1.75 -1.00 -9.16
C ARG C 69 1.53 -2.48 -9.49
N VAL C 70 2.03 -2.93 -10.63
CA VAL C 70 1.76 -4.28 -11.10
C VAL C 70 3.15 -4.96 -11.18
N PHE C 71 3.30 -6.03 -10.43
CA PHE C 71 4.54 -6.87 -10.40
C PHE C 71 4.41 -7.97 -11.42
N SER C 72 5.53 -8.30 -12.07
CA SER C 72 5.60 -9.46 -12.99
C SER C 72 6.53 -10.46 -12.35
N TYR C 73 6.05 -11.69 -12.27
CA TYR C 73 6.83 -12.76 -11.64
C TYR C 73 7.10 -13.84 -12.70
N PRO C 74 8.33 -14.39 -12.75
CA PRO C 74 8.59 -15.51 -13.70
C PRO C 74 7.72 -16.71 -13.36
N ALA C 75 7.09 -17.33 -14.36
CA ALA C 75 6.27 -18.53 -14.11
C ALA C 75 6.93 -19.57 -13.17
N GLY C 76 6.22 -19.83 -12.05
CA GLY C 76 6.61 -20.84 -11.03
C GLY C 76 7.12 -20.28 -9.70
N ASN C 77 7.03 -18.94 -9.51
CA ASN C 77 7.72 -18.20 -8.42
C ASN C 77 6.87 -17.12 -7.72
N GLY C 85 15.45 -11.52 -5.45
CA GLY C 85 15.51 -10.00 -5.52
C GLY C 85 14.11 -9.40 -5.59
N GLU C 86 14.03 -8.09 -5.86
CA GLU C 86 12.73 -7.47 -6.03
C GLU C 86 12.29 -7.75 -7.50
N PRO C 87 11.03 -8.11 -7.72
CA PRO C 87 10.54 -8.32 -9.08
C PRO C 87 10.49 -7.05 -9.88
N LEU C 88 10.43 -7.18 -11.20
CA LEU C 88 10.12 -6.09 -12.09
C LEU C 88 8.68 -5.62 -11.83
N TYR C 89 8.46 -4.33 -12.00
CA TYR C 89 7.10 -3.79 -11.77
C TYR C 89 7.01 -2.46 -12.43
N GLU C 90 5.78 -1.95 -12.51
CA GLU C 90 5.56 -0.61 -13.10
C GLU C 90 4.51 0.07 -12.23
N ASN C 91 4.67 1.36 -11.94
CA ASN C 91 3.62 2.13 -11.21
C ASN C 91 2.53 2.64 -12.16
N SER C 92 1.33 2.67 -11.66
CA SER C 92 0.17 3.29 -12.39
C SER C 92 0.23 4.83 -12.25
N PRO C 93 -0.65 5.50 -13.02
CA PRO C 93 -0.88 6.88 -12.71
C PRO C 93 -1.55 6.99 -11.35
N GLU C 94 -1.40 8.15 -10.71
CA GLU C 94 -2.18 8.36 -9.50
C GLU C 94 -3.64 8.46 -9.92
N PHE C 95 -4.51 8.08 -9.00
CA PHE C 95 -5.94 8.08 -9.26
C PHE C 95 -6.65 8.61 -8.03
N THR C 96 -7.43 9.69 -8.24
CA THR C 96 -8.32 10.22 -7.19
C THR C 96 -9.80 10.02 -7.53
N PRO C 97 -10.46 8.98 -6.97
CA PRO C 97 -11.76 8.57 -7.50
C PRO C 97 -12.84 9.67 -7.57
N TYR C 98 -12.96 10.48 -6.53
CA TYR C 98 -14.00 11.52 -6.52
C TYR C 98 -13.78 12.51 -7.67
N LEU C 99 -12.52 12.74 -8.08
CA LEU C 99 -12.21 13.72 -9.13
C LEU C 99 -12.24 13.13 -10.55
N GLU C 100 -12.11 11.79 -10.62
CA GLU C 100 -11.84 11.13 -11.96
C GLU C 100 -12.84 10.09 -12.40
N THR C 101 -13.57 9.47 -11.46
CA THR C 101 -14.54 8.41 -11.86
C THR C 101 -15.55 8.95 -12.89
N ASN C 102 -15.83 8.16 -13.95
CA ASN C 102 -16.88 8.58 -14.89
C ASN C 102 -18.25 8.53 -14.28
N LEU C 103 -19.14 9.44 -14.69
CA LEU C 103 -20.54 9.43 -14.18
C LEU C 103 -21.31 8.52 -15.08
N GLY C 104 -22.03 7.57 -14.51
CA GLY C 104 -22.70 6.55 -15.36
C GLY C 104 -23.83 7.12 -16.16
N GLN C 105 -24.30 6.39 -17.18
CA GLN C 105 -25.49 6.84 -17.96
C GLN C 105 -26.74 6.89 -17.05
N PRO C 106 -27.47 8.04 -16.95
CA PRO C 106 -28.63 8.05 -16.08
C PRO C 106 -29.85 7.46 -16.76
N THR C 107 -30.97 7.37 -16.02
CA THR C 107 -32.23 6.94 -16.54
C THR C 107 -33.32 7.86 -16.03
N ILE C 108 -34.22 8.27 -16.92
CA ILE C 108 -35.46 8.92 -16.45
C ILE C 108 -36.40 7.96 -15.74
N GLN C 109 -36.70 8.24 -14.49
CA GLN C 109 -37.59 7.37 -13.72
C GLN C 109 -39.05 7.61 -14.08
N SER C 110 -39.43 8.88 -14.29
CA SER C 110 -40.84 9.19 -14.55
C SER C 110 -41.01 10.62 -15.03
N PHE C 111 -42.15 10.94 -15.62
CA PHE C 111 -42.49 12.32 -15.90
C PHE C 111 -43.98 12.42 -15.60
N GLU C 112 -44.46 13.61 -15.25
CA GLU C 112 -45.90 13.74 -15.00
C GLU C 112 -46.34 15.16 -15.33
N GLN C 113 -47.56 15.29 -15.84
CA GLN C 113 -48.17 16.57 -16.08
C GLN C 113 -48.89 16.92 -14.77
N VAL C 114 -48.33 17.89 -14.04
CA VAL C 114 -48.96 18.48 -12.85
C VAL C 114 -49.55 19.80 -13.36
N GLY C 115 -50.64 19.64 -14.12
CA GLY C 115 -51.36 20.74 -14.75
C GLY C 115 -50.68 21.40 -15.93
N THR C 116 -50.07 22.56 -15.65
CA THR C 116 -49.44 23.43 -16.68
C THR C 116 -47.91 23.10 -16.83
N LYS C 117 -47.45 22.19 -16.00
CA LYS C 117 -46.02 21.98 -15.86
C LYS C 117 -45.79 20.50 -15.95
N VAL C 118 -44.54 20.10 -16.22
CA VAL C 118 -44.18 18.66 -16.17
C VAL C 118 -43.04 18.46 -15.17
N ASN C 119 -43.21 17.53 -14.20
CA ASN C 119 -42.11 17.12 -13.34
C ASN C 119 -41.35 15.99 -14.07
N VAL C 120 -40.02 16.03 -14.15
CA VAL C 120 -39.25 14.88 -14.69
C VAL C 120 -38.35 14.49 -13.56
N THR C 121 -38.39 13.20 -13.19
CA THR C 121 -37.56 12.65 -12.15
C THR C 121 -36.48 11.71 -12.69
N VAL C 122 -35.24 11.92 -12.25
CA VAL C 122 -34.09 11.12 -12.65
C VAL C 122 -33.93 10.02 -11.58
N GLU C 123 -33.80 8.77 -12.05
CA GLU C 123 -33.57 7.68 -11.13
C GLU C 123 -32.30 7.96 -10.38
N ASP C 124 -32.28 7.58 -9.10
CA ASP C 124 -31.02 7.63 -8.34
C ASP C 124 -29.98 6.75 -9.04
N GLU C 125 -28.77 7.26 -9.23
CA GLU C 125 -27.71 6.49 -9.92
C GLU C 125 -26.94 5.79 -8.82
N ARG C 126 -27.01 4.47 -8.86
CA ARG C 126 -26.32 3.70 -7.82
C ARG C 126 -24.77 3.70 -8.10
N THR C 127 -23.98 3.76 -7.05
CA THR C 127 -22.50 3.68 -7.12
C THR C 127 -22.03 2.50 -6.31
N LEU C 128 -20.73 2.26 -6.38
CA LEU C 128 -20.18 1.11 -5.67
C LEU C 128 -19.79 1.42 -4.21
N VAL C 129 -19.97 2.68 -3.79
CA VAL C 129 -19.64 3.02 -2.41
C VAL C 129 -20.74 2.44 -1.55
N ARG C 130 -20.37 1.73 -0.49
CA ARG C 130 -21.36 1.17 0.41
C ARG C 130 -21.32 2.02 1.71
N ARG C 131 -22.45 2.13 2.34
CA ARG C 131 -22.45 2.66 3.72
C ARG C 131 -23.58 1.94 4.44
N ASN C 132 -23.34 1.56 5.69
CA ASN C 132 -24.37 0.95 6.51
C ASN C 132 -24.94 -0.25 5.78
N ASN C 133 -24.09 -0.97 5.08
CA ASN C 133 -24.55 -2.17 4.35
C ASN C 133 -25.41 -1.96 3.08
N THR C 134 -25.51 -0.73 2.59
CA THR C 134 -26.27 -0.44 1.34
C THR C 134 -25.43 0.37 0.32
N PHE C 135 -25.70 0.25 -1.01
CA PHE C 135 -25.04 1.15 -2.01
C PHE C 135 -25.52 2.62 -2.04
N LEU C 136 -24.57 3.54 -2.00
CA LEU C 136 -24.93 4.98 -2.06
C LEU C 136 -25.22 5.39 -3.54
N SER C 137 -26.10 6.39 -3.71
CA SER C 137 -26.34 7.05 -5.01
C SER C 137 -25.24 8.06 -5.37
N LEU C 138 -25.16 8.48 -6.61
CA LEU C 138 -24.25 9.57 -6.92
C LEU C 138 -24.57 10.83 -6.10
N ARG C 139 -25.85 11.13 -5.93
CA ARG C 139 -26.14 12.33 -5.10
C ARG C 139 -25.72 12.16 -3.57
N ASP C 140 -25.81 10.95 -3.02
CA ASP C 140 -25.29 10.69 -1.67
C ASP C 140 -23.80 10.99 -1.59
N VAL C 141 -23.04 10.60 -2.63
CA VAL C 141 -21.60 10.80 -2.60
C VAL C 141 -21.20 12.24 -2.95
N PHE C 142 -21.82 12.82 -3.99
CA PHE C 142 -21.34 14.11 -4.52
C PHE C 142 -22.06 15.31 -3.86
N GLY C 143 -23.27 15.08 -3.37
CA GLY C 143 -24.09 16.22 -2.78
C GLY C 143 -24.17 17.34 -3.82
N LYS C 144 -23.92 18.59 -3.37
CA LYS C 144 -24.07 19.74 -4.23
C LYS C 144 -23.03 19.86 -5.36
N ASP C 145 -21.99 19.00 -5.35
CA ASP C 145 -21.13 18.93 -6.51
C ASP C 145 -21.82 18.32 -7.78
N LEU C 146 -22.96 17.65 -7.63
CA LEU C 146 -23.58 16.92 -8.76
C LEU C 146 -24.85 17.70 -9.14
N ILE C 147 -25.03 18.01 -10.41
CA ILE C 147 -26.34 18.49 -10.91
C ILE C 147 -26.83 17.54 -11.99
N TYR C 148 -28.13 17.57 -12.28
CA TYR C 148 -28.60 16.94 -13.50
C TYR C 148 -29.04 18.02 -14.49
N THR C 149 -28.81 17.73 -15.77
CA THR C 149 -29.25 18.61 -16.82
C THR C 149 -30.31 17.91 -17.68
N LEU C 150 -31.35 18.64 -18.09
CA LEU C 150 -32.41 18.08 -18.90
C LEU C 150 -32.46 18.78 -20.25
N TYR C 151 -32.50 17.95 -21.32
CA TYR C 151 -32.68 18.41 -22.72
C TYR C 151 -34.08 18.02 -23.07
N TYR C 152 -34.88 19.00 -23.50
CA TYR C 152 -36.25 18.69 -23.80
C TYR C 152 -36.72 19.47 -25.03
N TRP C 153 -37.70 18.90 -25.69
CA TRP C 153 -38.23 19.51 -26.92
C TRP C 153 -39.62 19.01 -27.22
N LYS C 161 -35.64 24.24 -23.94
CA LYS C 161 -34.53 23.49 -24.49
C LYS C 161 -33.73 22.77 -23.42
N THR C 162 -33.23 23.51 -22.40
CA THR C 162 -32.39 22.93 -21.35
C THR C 162 -32.94 23.39 -20.00
N ALA C 163 -32.82 22.55 -18.97
CA ALA C 163 -33.10 22.93 -17.60
C ALA C 163 -32.04 22.27 -16.74
N LYS C 164 -31.81 22.83 -15.56
CA LYS C 164 -30.79 22.24 -14.70
C LYS C 164 -31.32 22.14 -13.28
N THR C 165 -30.90 21.09 -12.54
CA THR C 165 -31.38 20.91 -11.13
C THR C 165 -30.31 20.51 -10.14
N ASN C 166 -30.44 21.03 -8.89
CA ASN C 166 -29.63 20.61 -7.77
C ASN C 166 -30.15 19.36 -7.10
N THR C 167 -31.28 18.86 -7.57
CA THR C 167 -31.85 17.64 -7.00
C THR C 167 -31.83 16.56 -8.10
N ASN C 168 -32.78 15.62 -8.02
CA ASN C 168 -33.06 14.69 -9.07
C ASN C 168 -34.36 14.96 -9.79
N GLU C 169 -34.94 16.13 -9.54
CA GLU C 169 -36.19 16.45 -10.24
C GLU C 169 -36.11 17.80 -10.98
N PHE C 170 -36.85 17.84 -12.10
CA PHE C 170 -37.00 19.11 -12.84
C PHE C 170 -38.47 19.49 -12.83
N LEU C 171 -38.76 20.79 -12.81
CA LEU C 171 -40.17 21.23 -13.02
C LEU C 171 -40.17 22.21 -14.15
N ILE C 172 -40.70 21.84 -15.32
CA ILE C 172 -40.57 22.73 -16.49
C ILE C 172 -41.97 23.16 -16.98
N ASP C 173 -42.05 24.29 -17.68
CA ASP C 173 -43.33 24.75 -18.28
C ASP C 173 -43.53 24.10 -19.65
N VAL C 174 -44.75 23.64 -19.89
CA VAL C 174 -45.09 23.07 -21.18
C VAL C 174 -46.38 23.71 -21.76
N ASP C 175 -46.36 24.01 -23.07
CA ASP C 175 -47.58 24.29 -23.86
C ASP C 175 -48.50 23.06 -23.75
N LYS C 176 -49.73 23.24 -23.24
CA LYS C 176 -50.70 22.10 -23.01
C LYS C 176 -51.07 21.18 -24.23
N GLY C 177 -51.49 19.94 -23.92
CA GLY C 177 -51.89 18.96 -24.97
C GLY C 177 -50.78 18.54 -25.93
N GLU C 178 -49.63 19.22 -25.83
CA GLU C 178 -48.41 18.92 -26.64
C GLU C 178 -47.59 17.82 -25.99
N ASN C 179 -46.95 17.02 -26.82
CA ASN C 179 -46.16 15.92 -26.29
C ASN C 179 -44.70 16.36 -26.36
N TYR C 180 -43.93 16.10 -25.29
CA TYR C 180 -42.54 16.51 -25.28
C TYR C 180 -41.67 15.25 -25.12
N CYS C 181 -40.39 15.35 -25.50
CA CYS C 181 -39.41 14.27 -25.33
C CYS C 181 -38.30 14.76 -24.45
N PHE C 182 -37.72 13.85 -23.66
CA PHE C 182 -36.77 14.25 -22.63
C PHE C 182 -35.47 13.42 -22.70
N SER C 183 -34.32 14.01 -22.40
CA SER C 183 -33.11 13.21 -22.12
C SER C 183 -32.34 13.93 -21.00
N VAL C 184 -31.63 13.18 -20.14
CA VAL C 184 -30.92 13.84 -19.01
C VAL C 184 -29.46 13.41 -18.96
N GLN C 185 -28.65 14.22 -18.28
CA GLN C 185 -27.20 13.99 -18.16
C GLN C 185 -26.83 14.35 -16.72
N ALA C 186 -25.99 13.53 -16.11
CA ALA C 186 -25.33 13.83 -14.87
C ALA C 186 -24.11 14.71 -15.19
N VAL C 187 -23.90 15.73 -14.35
CA VAL C 187 -22.80 16.70 -14.56
C VAL C 187 -22.14 17.06 -13.22
N ILE C 188 -20.81 17.17 -13.22
CA ILE C 188 -20.11 17.69 -11.99
C ILE C 188 -19.52 18.98 -12.47
N PRO C 189 -20.22 20.12 -12.21
CA PRO C 189 -19.77 21.32 -12.99
C PRO C 189 -18.36 21.79 -12.64
N SER C 190 -17.88 21.48 -11.44
CA SER C 190 -16.50 21.87 -11.10
C SER C 190 -15.37 21.09 -11.87
N ARG C 191 -15.71 19.96 -12.49
CA ARG C 191 -14.69 19.25 -13.30
C ARG C 191 -14.40 19.97 -14.59
N THR C 192 -13.22 19.70 -15.14
CA THR C 192 -12.88 20.14 -16.54
C THR C 192 -12.79 18.94 -17.50
N VAL C 193 -12.49 17.78 -16.96
CA VAL C 193 -12.38 16.56 -17.72
C VAL C 193 -13.43 15.55 -17.14
N ASN C 194 -14.08 14.72 -17.97
CA ASN C 194 -15.12 13.75 -17.50
C ASN C 194 -16.19 14.54 -16.75
N ARG C 195 -16.57 15.67 -17.33
CA ARG C 195 -17.49 16.57 -16.63
C ARG C 195 -18.93 16.08 -16.67
N LYS C 196 -19.26 15.29 -17.67
CA LYS C 196 -20.65 14.90 -17.91
C LYS C 196 -20.76 13.44 -18.24
N SER C 197 -21.84 12.83 -17.80
CA SER C 197 -22.21 11.49 -18.30
C SER C 197 -22.65 11.45 -19.79
N THR C 198 -22.87 10.25 -20.33
CA THR C 198 -23.57 10.17 -21.61
C THR C 198 -25.04 10.52 -21.34
N ASP C 199 -25.77 10.87 -22.40
CA ASP C 199 -27.22 11.18 -22.26
C ASP C 199 -28.03 9.95 -21.90
N SER C 200 -29.10 10.10 -21.11
CA SER C 200 -30.00 8.98 -20.80
C SER C 200 -30.69 8.56 -22.13
N PRO C 201 -31.28 7.37 -22.16
CA PRO C 201 -32.27 7.07 -23.22
C PRO C 201 -33.38 8.13 -23.26
N VAL C 202 -33.93 8.33 -24.45
CA VAL C 202 -34.93 9.39 -24.63
C VAL C 202 -36.27 8.80 -24.19
N GLU C 203 -37.06 9.56 -23.43
CA GLU C 203 -38.46 9.15 -23.10
C GLU C 203 -39.39 10.26 -23.58
N CYS C 204 -40.64 9.92 -23.93
CA CYS C 204 -41.55 10.90 -24.59
C CYS C 204 -42.96 10.72 -24.05
N MET C 205 -43.69 11.81 -23.95
CA MET C 205 -45.06 11.76 -23.42
C MET C 205 -46.03 10.87 -24.24
#